data_5HQW
#
_entry.id   5HQW
#
_cell.length_a   41.010
_cell.length_b   63.280
_cell.length_c   124.140
_cell.angle_alpha   90.00
_cell.angle_beta   91.91
_cell.angle_gamma   90.00
#
_symmetry.space_group_name_H-M   'P 1 21 1'
#
loop_
_entity.id
_entity.type
_entity.pdbx_description
1 polymer 'Putative polyketide synthase'
2 non-polymer 'MAGNESIUM ION'
3 water water
#
_entity_poly.entity_id   1
_entity_poly.type   'polypeptide(L)'
_entity_poly.pdbx_seq_one_letter_code
;SMIGLTAGEPAYLHPLLHQNTSTLSEQRYSSTFTGQEFFLRDHVVNGQKVLPGVAYLEMARVAVDMAAGVRTDNHSAIQL
KNIVWAKPVIVEDAPIQVHKGLYPEENGEITFEIYSHPREAEESLVVHSQGRAVLRSAMEAPALDLSAIQAQCTESSYSF
SQCYETFHRIGLAYGPSHQGIEKLFVGPDQVLAKLVLPSSVTGTAEKFVLHPSVMDAALQASLGFMMGTSDLQPSLPFAL
EELNIYSASTAAAWALVRYSDGNATTQKVQKLDIDLCDEQGTICVSMKGFTTRVLEGEKAAGVAKNKGTGEAGKITSTLM
LQPVWIEKGIPKEAKA
;
_entity_poly.pdbx_strand_id   A,B
#
# COMPACT_ATOMS: atom_id res chain seq x y z
N PRO A 10 -1.86 -13.25 -2.41
CA PRO A 10 -3.24 -13.40 -2.90
C PRO A 10 -3.97 -12.06 -3.07
N ALA A 11 -3.69 -11.10 -2.19
CA ALA A 11 -4.37 -9.81 -2.18
C ALA A 11 -3.61 -8.74 -2.96
N TYR A 12 -2.81 -9.13 -3.95
CA TYR A 12 -2.03 -8.15 -4.69
C TYR A 12 -2.92 -7.15 -5.41
N LEU A 13 -2.47 -5.90 -5.46
CA LEU A 13 -3.08 -4.94 -6.38
C LEU A 13 -2.82 -5.31 -7.83
N HIS A 14 -1.68 -5.96 -8.09
CA HIS A 14 -1.23 -6.26 -9.43
C HIS A 14 -0.11 -7.31 -9.33
N PRO A 15 -0.01 -8.25 -10.26
CA PRO A 15 1.02 -9.30 -10.13
C PRO A 15 2.44 -8.76 -9.99
N LEU A 16 2.70 -7.54 -10.44
CA LEU A 16 4.01 -6.92 -10.32
C LEU A 16 4.04 -5.77 -9.32
N LEU A 17 2.90 -5.45 -8.70
CA LEU A 17 2.80 -4.36 -7.74
C LEU A 17 1.80 -4.80 -6.67
N HIS A 18 2.30 -5.47 -5.63
CA HIS A 18 1.42 -6.14 -4.69
C HIS A 18 0.74 -5.18 -3.71
N GLN A 19 1.49 -4.22 -3.17
CA GLN A 19 1.04 -3.50 -1.99
C GLN A 19 1.46 -2.04 -2.05
N ASN A 20 0.59 -1.19 -1.51
CA ASN A 20 0.86 0.24 -1.37
C ASN A 20 1.47 0.47 0.01
N THR A 21 2.73 0.90 0.05
CA THR A 21 3.45 1.12 1.29
C THR A 21 3.86 2.57 1.45
N SER A 22 3.04 3.48 0.95
CA SER A 22 3.41 4.89 0.89
C SER A 22 3.48 5.50 2.28
N THR A 23 4.46 6.38 2.48
CA THR A 23 4.61 7.16 3.70
C THR A 23 4.43 8.63 3.37
N LEU A 24 4.38 9.46 4.41
CA LEU A 24 4.27 10.90 4.20
C LEU A 24 5.44 11.43 3.39
N SER A 25 6.62 10.87 3.59
CA SER A 25 7.80 11.33 2.85
C SER A 25 7.84 10.80 1.44
N GLU A 26 7.30 9.60 1.19
CA GLU A 26 7.52 8.91 -0.07
C GLU A 26 6.26 8.15 -0.49
N GLN A 27 5.90 8.30 -1.75
CA GLN A 27 4.89 7.45 -2.38
C GLN A 27 5.58 6.19 -2.87
N ARG A 28 5.10 5.03 -2.43
CA ARG A 28 5.86 3.80 -2.58
C ARG A 28 4.92 2.60 -2.66
N TYR A 29 5.29 1.64 -3.50
CA TYR A 29 4.61 0.36 -3.60
C TYR A 29 5.64 -0.75 -3.46
N SER A 30 5.24 -1.87 -2.86
CA SER A 30 6.14 -2.95 -2.53
C SER A 30 5.61 -4.28 -3.05
N SER A 31 6.52 -5.12 -3.53
CA SER A 31 6.19 -6.46 -3.99
C SER A 31 7.29 -7.41 -3.57
N THR A 32 6.90 -8.61 -3.14
CA THR A 32 7.84 -9.66 -2.77
C THR A 32 7.72 -10.79 -3.77
N PHE A 33 8.81 -11.10 -4.47
CA PHE A 33 8.82 -12.11 -5.52
C PHE A 33 9.51 -13.36 -4.99
N THR A 34 8.82 -14.49 -5.08
CA THR A 34 9.37 -15.78 -4.65
C THR A 34 10.18 -16.48 -5.71
N GLY A 35 9.99 -16.16 -6.99
CA GLY A 35 10.67 -16.85 -8.06
C GLY A 35 9.83 -17.94 -8.71
N GLN A 36 8.65 -18.24 -8.17
CA GLN A 36 7.71 -19.15 -8.80
C GLN A 36 6.79 -18.44 -9.77
N GLU A 37 6.81 -17.12 -9.78
CA GLU A 37 6.07 -16.35 -10.77
C GLU A 37 6.54 -16.71 -12.16
N PHE A 38 5.62 -16.75 -13.12
CA PHE A 38 5.96 -17.20 -14.46
C PHE A 38 7.04 -16.31 -15.09
N PHE A 39 6.99 -15.01 -14.83
CA PHE A 39 7.97 -14.10 -15.41
C PHE A 39 9.34 -14.17 -14.74
N LEU A 40 9.49 -14.98 -13.69
CA LEU A 40 10.80 -15.30 -13.12
C LEU A 40 11.16 -16.75 -13.38
N ARG A 41 10.24 -17.67 -13.11
CA ARG A 41 10.50 -19.09 -13.30
C ARG A 41 10.85 -19.41 -14.75
N ASP A 42 10.22 -18.73 -15.70
CA ASP A 42 10.47 -18.97 -17.12
C ASP A 42 11.41 -17.94 -17.76
N HIS A 43 12.06 -17.08 -16.98
CA HIS A 43 12.99 -16.09 -17.52
C HIS A 43 14.34 -16.27 -16.85
N VAL A 44 15.09 -17.26 -17.31
CA VAL A 44 16.36 -17.66 -16.70
C VAL A 44 17.50 -17.20 -17.60
N VAL A 45 18.40 -16.40 -17.02
CA VAL A 45 19.55 -15.85 -17.74
C VAL A 45 20.80 -16.42 -17.10
N ASN A 46 21.63 -17.09 -17.90
CA ASN A 46 22.87 -17.69 -17.42
C ASN A 46 22.63 -18.54 -16.17
N GLY A 47 21.45 -19.15 -16.10
CA GLY A 47 21.10 -20.07 -15.04
C GLY A 47 20.36 -19.48 -13.87
N GLN A 48 20.21 -18.15 -13.81
CA GLN A 48 19.54 -17.50 -12.69
C GLN A 48 18.21 -16.90 -13.14
N LYS A 49 17.25 -16.92 -12.22
CA LYS A 49 15.96 -16.27 -12.45
C LYS A 49 16.11 -14.76 -12.38
N VAL A 50 15.87 -14.08 -13.49
CA VAL A 50 16.05 -12.65 -13.59
C VAL A 50 14.73 -12.02 -14.01
N LEU A 51 14.29 -11.02 -13.27
CA LEU A 51 13.12 -10.27 -13.65
C LEU A 51 13.37 -9.66 -15.03
N PRO A 52 12.47 -9.84 -15.99
CA PRO A 52 12.76 -9.30 -17.33
C PRO A 52 12.68 -7.78 -17.34
N GLY A 53 13.55 -7.16 -18.14
CA GLY A 53 13.60 -5.72 -18.20
C GLY A 53 12.24 -5.10 -18.53
N VAL A 54 11.47 -5.77 -19.39
CA VAL A 54 10.19 -5.21 -19.80
C VAL A 54 9.17 -5.25 -18.67
N ALA A 55 9.41 -6.06 -17.65
CA ALA A 55 8.50 -6.11 -16.49
C ALA A 55 8.59 -4.82 -15.67
N TYR A 56 9.76 -4.17 -15.65
CA TYR A 56 9.87 -2.88 -14.99
C TYR A 56 8.93 -1.86 -15.60
N LEU A 57 8.73 -1.93 -16.91
CA LEU A 57 7.87 -0.96 -17.59
C LEU A 57 6.44 -1.04 -17.08
N GLU A 58 5.90 -2.25 -16.99
CA GLU A 58 4.56 -2.42 -16.42
C GLU A 58 4.54 -2.01 -14.95
N MET A 59 5.60 -2.35 -14.21
CA MET A 59 5.70 -1.93 -12.81
C MET A 59 5.53 -0.43 -12.67
N ALA A 60 6.28 0.34 -13.46
CA ALA A 60 6.18 1.80 -13.39
C ALA A 60 4.79 2.27 -13.79
N ARG A 61 4.28 1.74 -14.90
CA ARG A 61 2.99 2.20 -15.41
C ARG A 61 1.89 2.02 -14.35
N VAL A 62 1.81 0.82 -13.77
CA VAL A 62 0.69 0.55 -12.86
C VAL A 62 0.86 1.36 -11.58
N ALA A 63 2.10 1.56 -11.12
CA ALA A 63 2.33 2.42 -9.96
C ALA A 63 1.85 3.84 -10.24
N VAL A 64 2.28 4.42 -11.38
CA VAL A 64 1.84 5.76 -11.73
C VAL A 64 0.32 5.81 -11.85
N ASP A 65 -0.25 4.86 -12.59
CA ASP A 65 -1.70 4.83 -12.78
C ASP A 65 -2.43 4.88 -11.44
N MET A 66 -1.92 4.17 -10.43
CA MET A 66 -2.57 4.14 -9.14
C MET A 66 -2.19 5.33 -8.27
N ALA A 67 -0.92 5.74 -8.33
CA ALA A 67 -0.48 6.87 -7.53
C ALA A 67 -1.12 8.17 -8.00
N ALA A 68 -1.29 8.33 -9.31
CA ALA A 68 -2.17 9.36 -9.82
C ALA A 68 -3.60 8.98 -9.51
N GLY A 69 -4.38 9.94 -9.02
CA GLY A 69 -5.69 9.63 -8.50
C GLY A 69 -6.68 9.25 -9.59
N VAL A 70 -7.97 9.38 -9.31
CA VAL A 70 -8.95 9.39 -10.39
C VAL A 70 -8.65 10.58 -11.27
N ARG A 71 -8.65 10.37 -12.58
CA ARG A 71 -7.97 11.29 -13.49
C ARG A 71 -8.90 11.77 -14.59
N THR A 72 -8.81 13.07 -14.89
CA THR A 72 -9.45 13.62 -16.06
C THR A 72 -8.85 12.99 -17.33
N ASP A 73 -9.57 13.14 -18.44
CA ASP A 73 -9.14 12.52 -19.69
C ASP A 73 -7.89 13.18 -20.27
N ASN A 74 -7.67 14.46 -19.99
CA ASN A 74 -6.45 15.11 -20.45
C ASN A 74 -5.21 14.50 -19.80
N HIS A 75 -5.39 13.76 -18.70
CA HIS A 75 -4.31 13.07 -18.01
C HIS A 75 -4.52 11.56 -17.96
N SER A 76 -5.45 11.02 -18.76
CA SER A 76 -5.81 9.61 -18.68
C SER A 76 -5.02 8.75 -19.67
N ALA A 77 -3.71 8.94 -19.69
CA ALA A 77 -2.82 8.13 -20.51
C ALA A 77 -1.41 8.31 -19.99
N ILE A 78 -0.62 7.25 -20.08
CA ILE A 78 0.70 7.22 -19.48
C ILE A 78 1.74 6.98 -20.56
N GLN A 79 2.81 7.77 -20.50
CA GLN A 79 3.97 7.60 -21.37
C GLN A 79 5.19 7.54 -20.48
N LEU A 80 6.13 6.68 -20.83
CA LEU A 80 7.37 6.52 -20.08
C LEU A 80 8.52 7.06 -20.90
N LYS A 81 9.49 7.67 -20.23
CA LYS A 81 10.60 8.33 -20.90
C LYS A 81 11.89 8.09 -20.15
N ASN A 82 12.97 8.02 -20.93
CA ASN A 82 14.33 8.01 -20.42
C ASN A 82 14.47 6.97 -19.31
N ILE A 83 14.16 5.73 -19.68
CA ILE A 83 14.29 4.62 -18.76
C ILE A 83 15.74 4.15 -18.79
N VAL A 84 16.27 3.85 -17.62
CA VAL A 84 17.59 3.24 -17.52
C VAL A 84 17.44 2.00 -16.67
N TRP A 85 18.27 1.00 -16.96
CA TRP A 85 18.31 -0.24 -16.19
C TRP A 85 19.69 -0.36 -15.58
N ALA A 86 19.74 -0.65 -14.29
CA ALA A 86 20.99 -0.83 -13.56
C ALA A 86 21.12 -2.30 -13.19
N LYS A 87 21.32 -2.65 -11.92
CA LYS A 87 21.53 -4.05 -11.56
C LYS A 87 20.22 -4.81 -11.70
N PRO A 88 20.26 -6.06 -12.14
CA PRO A 88 19.01 -6.82 -12.30
C PRO A 88 18.45 -7.26 -10.96
N VAL A 89 17.18 -7.66 -10.99
CA VAL A 89 16.56 -8.33 -9.85
C VAL A 89 16.76 -9.82 -10.08
N ILE A 90 17.43 -10.48 -9.14
CA ILE A 90 17.72 -11.91 -9.24
C ILE A 90 17.15 -12.60 -8.02
N VAL A 91 16.51 -13.73 -8.23
CA VAL A 91 15.91 -14.53 -7.16
C VAL A 91 16.58 -15.90 -7.17
N GLU A 92 17.25 -16.24 -6.08
CA GLU A 92 17.91 -17.54 -5.90
C GLU A 92 17.59 -18.01 -4.48
N ASP A 93 16.42 -18.65 -4.33
CA ASP A 93 16.00 -19.33 -3.11
C ASP A 93 15.49 -18.40 -2.03
N ALA A 94 15.90 -17.14 -2.04
CA ALA A 94 15.40 -16.19 -1.05
C ALA A 94 14.49 -15.18 -1.73
N PRO A 95 13.30 -14.90 -1.19
CA PRO A 95 12.45 -13.88 -1.81
C PRO A 95 13.13 -12.52 -1.74
N ILE A 96 12.88 -11.71 -2.78
N ILE A 96 12.89 -11.70 -2.76
CA ILE A 96 13.35 -10.33 -2.85
CA ILE A 96 13.38 -10.33 -2.77
C ILE A 96 12.13 -9.42 -2.74
C ILE A 96 12.19 -9.38 -2.79
N GLN A 97 12.25 -8.35 -1.96
CA GLN A 97 11.23 -7.32 -1.91
C GLN A 97 11.70 -6.18 -2.81
N VAL A 98 10.86 -5.81 -3.78
CA VAL A 98 11.19 -4.78 -4.75
C VAL A 98 10.23 -3.62 -4.53
N HIS A 99 10.78 -2.41 -4.46
CA HIS A 99 10.01 -1.21 -4.17
C HIS A 99 9.91 -0.33 -5.40
N LYS A 100 8.71 0.20 -5.63
CA LYS A 100 8.45 1.18 -6.68
C LYS A 100 8.25 2.53 -5.99
N GLY A 101 9.22 3.42 -6.13
CA GLY A 101 9.13 4.76 -5.58
C GLY A 101 8.75 5.76 -6.65
N LEU A 102 7.81 6.65 -6.31
CA LEU A 102 7.34 7.68 -7.22
C LEU A 102 7.55 9.04 -6.60
N TYR A 103 8.14 9.96 -7.35
CA TYR A 103 8.31 11.33 -6.91
C TYR A 103 7.64 12.26 -7.91
N PRO A 104 6.64 13.05 -7.51
CA PRO A 104 6.07 14.03 -8.45
C PRO A 104 7.06 15.18 -8.66
N GLU A 105 7.29 15.51 -9.92
CA GLU A 105 8.18 16.60 -10.27
C GLU A 105 7.36 17.88 -10.48
N GLU A 106 8.03 19.02 -10.33
CA GLU A 106 7.33 20.30 -10.41
C GLU A 106 6.69 20.50 -11.77
N ASN A 107 7.28 19.94 -12.82
CA ASN A 107 6.74 20.07 -14.18
C ASN A 107 5.56 19.15 -14.43
N GLY A 108 5.03 18.49 -13.40
CA GLY A 108 3.90 17.59 -13.56
C GLY A 108 4.27 16.18 -13.96
N GLU A 109 5.53 15.92 -14.29
CA GLU A 109 5.97 14.56 -14.56
C GLU A 109 6.20 13.82 -13.25
N ILE A 110 6.28 12.48 -13.36
CA ILE A 110 6.49 11.62 -12.20
C ILE A 110 7.76 10.82 -12.44
N THR A 111 8.71 10.96 -11.54
CA THR A 111 9.92 10.15 -11.56
C THR A 111 9.69 8.88 -10.77
N PHE A 112 10.21 7.76 -11.29
CA PHE A 112 10.06 6.48 -10.63
C PHE A 112 11.41 5.81 -10.45
N GLU A 113 11.60 5.18 -9.29
CA GLU A 113 12.77 4.39 -8.98
C GLU A 113 12.31 3.02 -8.54
N ILE A 114 12.87 1.98 -9.14
CA ILE A 114 12.62 0.60 -8.74
C ILE A 114 13.90 0.08 -8.11
N TYR A 115 13.82 -0.27 -6.82
CA TYR A 115 15.00 -0.56 -6.03
C TYR A 115 14.68 -1.65 -5.01
N SER A 116 15.70 -2.05 -4.27
CA SER A 116 15.52 -3.03 -3.20
C SER A 116 16.67 -2.90 -2.22
N HIS A 117 16.49 -3.51 -1.07
CA HIS A 117 17.51 -3.56 -0.02
C HIS A 117 17.98 -5.00 0.16
N PRO A 118 19.22 -5.34 -0.21
CA PRO A 118 19.67 -6.74 -0.07
C PRO A 118 19.40 -7.28 1.34
N ARG A 119 18.86 -8.49 1.39
CA ARG A 119 18.62 -9.16 2.66
C ARG A 119 19.87 -9.18 3.54
N GLU A 120 21.03 -9.44 2.94
CA GLU A 120 22.26 -9.61 3.72
C GLU A 120 22.67 -8.34 4.43
N ALA A 121 22.22 -7.17 3.97
CA ALA A 121 22.46 -5.90 4.66
C ALA A 121 21.34 -4.97 4.24
N GLU A 122 20.28 -4.97 5.05
CA GLU A 122 19.05 -4.25 4.71
C GLU A 122 19.21 -2.73 4.74
N GLU A 123 20.33 -2.20 5.22
CA GLU A 123 20.58 -0.77 5.16
C GLU A 123 21.21 -0.33 3.83
N SER A 124 21.73 -1.27 3.05
CA SER A 124 22.27 -0.93 1.74
C SER A 124 21.13 -0.80 0.72
N LEU A 125 21.47 -0.28 -0.46
CA LEU A 125 20.48 0.03 -1.48
C LEU A 125 20.99 -0.41 -2.85
N VAL A 126 20.08 -0.99 -3.63
CA VAL A 126 20.35 -1.34 -5.01
C VAL A 126 19.21 -0.75 -5.84
N VAL A 127 19.53 0.14 -6.77
CA VAL A 127 18.55 0.67 -7.69
C VAL A 127 18.59 -0.18 -8.95
N HIS A 128 17.42 -0.68 -9.37
CA HIS A 128 17.34 -1.55 -10.52
C HIS A 128 16.91 -0.83 -11.79
N SER A 129 16.04 0.16 -11.66
CA SER A 129 15.60 0.91 -12.82
C SER A 129 15.07 2.26 -12.36
N GLN A 130 15.22 3.25 -13.22
CA GLN A 130 14.61 4.55 -12.97
C GLN A 130 14.23 5.17 -14.30
N GLY A 131 13.23 6.03 -14.26
CA GLY A 131 12.77 6.71 -15.44
C GLY A 131 11.76 7.78 -15.06
N ARG A 132 11.06 8.25 -16.08
CA ARG A 132 10.05 9.29 -15.88
C ARG A 132 8.77 8.88 -16.59
N ALA A 133 7.65 9.34 -16.03
CA ALA A 133 6.34 9.08 -16.59
C ALA A 133 5.65 10.41 -16.87
N VAL A 134 4.88 10.45 -17.94
CA VAL A 134 4.13 11.64 -18.32
C VAL A 134 2.67 11.26 -18.42
N LEU A 135 1.81 12.11 -17.86
CA LEU A 135 0.37 11.95 -17.94
C LEU A 135 -0.16 12.89 -19.01
N ARG A 136 -0.87 12.34 -19.99
CA ARG A 136 -1.31 13.12 -21.13
C ARG A 136 -2.59 12.51 -21.69
N SER A 137 -3.10 13.13 -22.75
CA SER A 137 -4.33 12.68 -23.38
C SER A 137 -4.08 11.44 -24.23
N ALA A 138 -5.10 10.58 -24.29
CA ALA A 138 -5.02 9.38 -25.10
C ALA A 138 -4.72 9.75 -26.56
N MET A 139 -3.85 8.97 -27.18
CA MET A 139 -3.41 9.20 -28.55
C MET A 139 -4.09 8.20 -29.47
N GLU A 140 -4.51 8.66 -30.64
CA GLU A 140 -5.00 7.74 -31.65
C GLU A 140 -3.88 6.82 -32.07
N ALA A 141 -4.18 5.53 -32.17
CA ALA A 141 -3.13 4.53 -32.35
C ALA A 141 -2.62 4.55 -33.79
N PRO A 142 -1.31 4.64 -34.01
CA PRO A 142 -0.79 4.51 -35.37
C PRO A 142 -0.98 3.09 -35.90
N ALA A 143 -0.71 2.94 -37.20
CA ALA A 143 -0.91 1.68 -37.90
C ALA A 143 0.33 1.32 -38.71
N LEU A 144 0.52 0.03 -38.91
CA LEU A 144 1.59 -0.48 -39.75
C LEU A 144 0.96 -1.12 -40.98
N ASP A 145 1.73 -1.15 -42.08
CA ASP A 145 1.29 -1.81 -43.31
C ASP A 145 2.00 -3.16 -43.30
N LEU A 146 1.33 -4.17 -42.73
CA LEU A 146 1.96 -5.46 -42.56
C LEU A 146 2.32 -6.08 -43.91
N SER A 147 1.47 -5.88 -44.92
CA SER A 147 1.76 -6.41 -46.25
C SER A 147 3.07 -5.84 -46.76
N ALA A 148 3.24 -4.52 -46.69
CA ALA A 148 4.45 -3.89 -47.20
C ALA A 148 5.67 -4.35 -46.39
N ILE A 149 5.54 -4.41 -45.07
CA ILE A 149 6.67 -4.80 -44.23
C ILE A 149 7.12 -6.21 -44.58
N GLN A 150 6.17 -7.14 -44.67
CA GLN A 150 6.51 -8.51 -45.07
C GLN A 150 7.30 -8.54 -46.37
N ALA A 151 6.94 -7.68 -47.32
CA ALA A 151 7.61 -7.71 -48.61
C ALA A 151 9.07 -7.31 -48.50
N GLN A 152 9.45 -6.59 -47.45
CA GLN A 152 10.84 -6.22 -47.22
C GLN A 152 11.57 -7.15 -46.26
N CYS A 153 10.94 -8.25 -45.81
CA CYS A 153 11.57 -9.20 -44.90
C CYS A 153 11.50 -10.59 -45.52
N THR A 154 12.20 -10.76 -46.64
CA THR A 154 12.25 -12.02 -47.39
C THR A 154 13.67 -12.55 -47.48
N GLU A 155 14.60 -11.93 -46.74
CA GLU A 155 16.02 -12.28 -46.90
C GLU A 155 16.38 -13.52 -46.11
N SER A 156 15.85 -13.67 -44.90
CA SER A 156 16.03 -14.89 -44.14
C SER A 156 14.82 -15.07 -43.22
N SER A 157 14.80 -16.19 -42.52
CA SER A 157 13.62 -16.59 -41.76
C SER A 157 14.05 -17.57 -40.68
N TYR A 158 13.36 -17.54 -39.54
CA TYR A 158 13.74 -18.37 -38.41
C TYR A 158 12.50 -18.88 -37.69
N SER A 159 12.49 -20.19 -37.39
CA SER A 159 11.34 -20.85 -36.81
C SER A 159 11.35 -20.74 -35.28
N PHE A 160 10.21 -21.09 -34.68
CA PHE A 160 10.07 -21.07 -33.23
C PHE A 160 11.19 -21.88 -32.54
N SER A 161 11.43 -23.11 -33.00
CA SER A 161 12.47 -23.93 -32.38
C SER A 161 13.86 -23.35 -32.63
N GLN A 162 14.11 -22.84 -33.84
CA GLN A 162 15.39 -22.22 -34.13
C GLN A 162 15.71 -21.10 -33.14
N CYS A 163 14.72 -20.24 -32.86
CA CYS A 163 14.94 -19.12 -31.96
C CYS A 163 15.26 -19.60 -30.55
N TYR A 164 14.41 -20.45 -29.99
CA TYR A 164 14.53 -20.80 -28.58
C TYR A 164 15.60 -21.84 -28.31
N GLU A 165 16.03 -22.58 -29.33
CA GLU A 165 17.25 -23.38 -29.19
C GLU A 165 18.47 -22.47 -29.18
N THR A 166 18.50 -21.47 -30.06
CA THR A 166 19.60 -20.51 -30.05
C THR A 166 19.65 -19.73 -28.75
N PHE A 167 18.50 -19.28 -28.26
CA PHE A 167 18.45 -18.58 -26.98
C PHE A 167 19.05 -19.42 -25.86
N HIS A 168 18.67 -20.69 -25.78
CA HIS A 168 19.19 -21.56 -24.72
C HIS A 168 20.70 -21.72 -24.83
N ARG A 169 21.23 -21.78 -26.05
CA ARG A 169 22.67 -21.96 -26.25
C ARG A 169 23.47 -20.77 -25.75
N ILE A 170 22.94 -19.54 -25.92
CA ILE A 170 23.70 -18.35 -25.55
C ILE A 170 23.49 -17.94 -24.10
N GLY A 171 22.60 -18.63 -23.37
CA GLY A 171 22.38 -18.36 -21.96
C GLY A 171 21.00 -17.90 -21.60
N LEU A 172 20.05 -17.82 -22.53
CA LEU A 172 18.70 -17.35 -22.27
C LEU A 172 17.77 -18.56 -22.34
N ALA A 173 17.45 -19.13 -21.18
CA ALA A 173 16.59 -20.31 -21.11
C ALA A 173 15.17 -19.84 -20.82
N TYR A 174 14.44 -19.52 -21.89
CA TYR A 174 13.06 -19.08 -21.77
C TYR A 174 12.14 -20.28 -21.60
N GLY A 175 11.36 -20.29 -20.51
CA GLY A 175 10.34 -21.29 -20.34
C GLY A 175 9.11 -20.96 -21.15
N PRO A 176 8.10 -21.82 -21.04
CA PRO A 176 6.90 -21.65 -21.90
C PRO A 176 6.28 -20.27 -21.80
N SER A 177 6.30 -19.63 -20.63
CA SER A 177 5.67 -18.32 -20.47
C SER A 177 6.38 -17.23 -21.28
N HIS A 178 7.63 -17.45 -21.67
CA HIS A 178 8.40 -16.47 -22.41
C HIS A 178 8.77 -17.02 -23.77
N GLN A 179 7.86 -17.80 -24.35
CA GLN A 179 8.01 -18.33 -25.70
C GLN A 179 6.89 -17.75 -26.57
N GLY A 180 6.94 -16.44 -26.77
CA GLY A 180 5.87 -15.75 -27.47
C GLY A 180 6.12 -15.62 -28.96
N ILE A 181 7.39 -15.78 -29.37
CA ILE A 181 7.71 -15.75 -30.79
C ILE A 181 7.14 -16.99 -31.46
N GLU A 182 6.45 -16.79 -32.58
CA GLU A 182 6.02 -17.87 -33.45
C GLU A 182 6.98 -18.05 -34.62
N LYS A 183 7.38 -16.95 -35.24
CA LYS A 183 8.31 -17.00 -36.37
C LYS A 183 8.93 -15.62 -36.56
N LEU A 184 10.13 -15.60 -37.12
CA LEU A 184 10.88 -14.40 -37.40
C LEU A 184 11.10 -14.26 -38.89
N PHE A 185 10.70 -13.11 -39.44
CA PHE A 185 10.94 -12.78 -40.84
C PHE A 185 11.94 -11.62 -40.87
N VAL A 186 13.04 -11.79 -41.57
CA VAL A 186 14.15 -10.84 -41.51
C VAL A 186 14.45 -10.34 -42.91
N GLY A 187 14.61 -9.03 -43.02
CA GLY A 187 15.21 -8.40 -44.17
C GLY A 187 16.33 -7.50 -43.75
N PRO A 188 17.01 -6.87 -44.70
CA PRO A 188 18.07 -5.91 -44.33
C PRO A 188 17.48 -4.75 -43.53
N ASP A 189 17.98 -4.59 -42.30
CA ASP A 189 17.65 -3.48 -41.40
C ASP A 189 16.32 -3.62 -40.68
N GLN A 190 15.60 -4.74 -40.78
CA GLN A 190 14.41 -4.90 -39.95
C GLN A 190 14.05 -6.36 -39.77
N VAL A 191 13.21 -6.61 -38.77
CA VAL A 191 12.72 -7.94 -38.43
C VAL A 191 11.23 -7.85 -38.13
N LEU A 192 10.44 -8.69 -38.79
CA LEU A 192 9.02 -8.81 -38.49
C LEU A 192 8.81 -10.13 -37.77
N ALA A 193 8.23 -10.07 -36.57
CA ALA A 193 8.07 -11.24 -35.72
C ALA A 193 6.59 -11.54 -35.55
N LYS A 194 6.19 -12.75 -35.92
CA LYS A 194 4.86 -13.24 -35.59
C LYS A 194 4.82 -13.61 -34.12
N LEU A 195 3.81 -13.11 -33.41
CA LEU A 195 3.73 -13.23 -31.96
C LEU A 195 2.43 -13.90 -31.54
N VAL A 196 2.47 -14.50 -30.35
CA VAL A 196 1.29 -15.07 -29.73
C VAL A 196 1.50 -15.03 -28.23
N LEU A 197 0.39 -14.93 -27.50
CA LEU A 197 0.44 -14.97 -26.05
C LEU A 197 0.50 -16.43 -25.63
N PRO A 198 1.57 -16.88 -24.96
CA PRO A 198 1.66 -18.30 -24.60
C PRO A 198 0.41 -18.78 -23.88
N SER A 199 0.01 -20.02 -24.16
CA SER A 199 -1.22 -20.55 -23.59
C SER A 199 -1.13 -20.65 -22.07
N SER A 200 0.09 -20.77 -21.54
CA SER A 200 0.26 -20.92 -20.10
C SER A 200 -0.28 -19.70 -19.35
N VAL A 201 -0.10 -18.50 -19.91
CA VAL A 201 -0.38 -17.26 -19.19
C VAL A 201 -1.72 -16.63 -19.61
N THR A 202 -2.53 -17.34 -20.40
CA THR A 202 -3.77 -16.75 -20.89
C THR A 202 -4.77 -16.48 -19.77
N GLY A 203 -4.70 -17.24 -18.66
CA GLY A 203 -5.68 -17.07 -17.61
C GLY A 203 -5.59 -15.74 -16.87
N THR A 204 -4.41 -15.13 -16.84
CA THR A 204 -4.22 -13.86 -16.13
C THR A 204 -3.73 -12.75 -17.05
N ALA A 205 -3.81 -12.93 -18.37
CA ALA A 205 -3.43 -11.86 -19.27
C ALA A 205 -4.31 -10.62 -19.11
N GLU A 206 -5.50 -10.80 -18.52
CA GLU A 206 -6.42 -9.70 -18.34
C GLU A 206 -5.88 -8.62 -17.41
N LYS A 207 -5.05 -9.00 -16.44
CA LYS A 207 -4.56 -8.08 -15.43
C LYS A 207 -3.22 -7.44 -15.81
N PHE A 208 -2.83 -7.47 -17.08
CA PHE A 208 -1.65 -6.79 -17.57
C PHE A 208 -2.02 -5.89 -18.74
N VAL A 209 -1.48 -4.67 -18.75
CA VAL A 209 -1.53 -3.82 -19.94
C VAL A 209 -0.30 -4.11 -20.78
N LEU A 210 0.87 -3.96 -20.17
CA LEU A 210 2.14 -4.33 -20.79
C LEU A 210 2.51 -5.71 -20.28
N HIS A 211 2.08 -6.75 -20.99
CA HIS A 211 2.27 -8.10 -20.51
C HIS A 211 3.72 -8.54 -20.73
N PRO A 212 4.42 -9.01 -19.69
CA PRO A 212 5.83 -9.37 -19.88
C PRO A 212 6.06 -10.39 -20.98
N SER A 213 5.13 -11.34 -21.16
CA SER A 213 5.31 -12.35 -22.20
C SER A 213 5.35 -11.72 -23.59
N VAL A 214 4.39 -10.84 -23.88
CA VAL A 214 4.34 -10.21 -25.21
C VAL A 214 5.48 -9.22 -25.38
N MET A 215 5.70 -8.38 -24.36
CA MET A 215 6.75 -7.37 -24.44
C MET A 215 8.12 -8.00 -24.61
N ASP A 216 8.41 -9.06 -23.84
CA ASP A 216 9.70 -9.71 -23.94
C ASP A 216 9.88 -10.35 -25.31
N ALA A 217 8.80 -10.93 -25.86
CA ALA A 217 8.88 -11.54 -27.18
C ALA A 217 9.21 -10.51 -28.25
N ALA A 218 8.65 -9.30 -28.13
CA ALA A 218 8.99 -8.25 -29.09
C ALA A 218 10.48 -7.92 -29.04
N LEU A 219 11.04 -7.85 -27.84
CA LEU A 219 12.48 -7.59 -27.72
C LEU A 219 13.30 -8.81 -28.12
N GLN A 220 12.80 -10.02 -27.84
CA GLN A 220 13.45 -11.24 -28.32
C GLN A 220 13.63 -11.22 -29.82
N ALA A 221 12.72 -10.59 -30.56
CA ALA A 221 12.74 -10.60 -32.01
C ALA A 221 14.03 -10.00 -32.57
N SER A 222 14.74 -9.17 -31.79
CA SER A 222 16.00 -8.63 -32.27
C SER A 222 17.04 -9.71 -32.52
N LEU A 223 16.81 -10.93 -32.04
CA LEU A 223 17.67 -12.06 -32.42
C LEU A 223 17.77 -12.19 -33.93
N GLY A 224 16.72 -11.79 -34.65
CA GLY A 224 16.76 -11.87 -36.10
C GLY A 224 17.97 -11.20 -36.70
N PHE A 225 18.42 -10.09 -36.10
CA PHE A 225 19.60 -9.40 -36.61
C PHE A 225 20.89 -10.15 -36.29
N MET A 226 20.89 -11.01 -35.29
CA MET A 226 22.13 -11.55 -34.75
C MET A 226 22.35 -13.03 -35.03
N MET A 227 21.37 -13.72 -35.64
CA MET A 227 21.59 -15.09 -36.08
C MET A 227 22.82 -15.16 -36.97
N GLY A 228 23.68 -16.14 -36.72
CA GLY A 228 24.92 -16.29 -37.43
C GLY A 228 26.10 -15.60 -36.77
N THR A 229 25.92 -15.00 -35.61
CA THR A 229 27.00 -14.34 -34.88
C THR A 229 27.75 -15.36 -34.03
N SER A 230 29.06 -15.44 -34.23
CA SER A 230 29.87 -16.40 -33.51
C SER A 230 29.90 -16.07 -32.03
N ASP A 231 29.76 -17.09 -31.20
CA ASP A 231 29.74 -16.94 -29.75
C ASP A 231 28.88 -15.75 -29.34
N LEU A 232 27.71 -15.66 -29.98
CA LEU A 232 26.76 -14.60 -29.69
C LEU A 232 26.50 -14.51 -28.19
N GLN A 233 26.54 -13.30 -27.65
CA GLN A 233 26.25 -13.09 -26.25
C GLN A 233 24.93 -12.34 -26.08
N PRO A 234 24.18 -12.63 -25.02
CA PRO A 234 22.88 -11.96 -24.83
C PRO A 234 23.04 -10.48 -24.52
N SER A 235 22.11 -9.69 -25.08
CA SER A 235 22.03 -8.25 -24.82
C SER A 235 20.73 -7.97 -24.07
N LEU A 236 20.84 -7.33 -22.91
CA LEU A 236 19.68 -7.04 -22.07
C LEU A 236 19.35 -5.56 -22.08
N PRO A 237 18.12 -5.20 -21.69
CA PRO A 237 17.73 -3.79 -21.68
C PRO A 237 18.70 -2.92 -20.89
N PHE A 238 19.03 -1.79 -21.47
CA PHE A 238 19.97 -0.83 -20.88
C PHE A 238 19.38 0.57 -20.78
N ALA A 239 18.59 0.98 -21.76
CA ALA A 239 17.94 2.29 -21.71
C ALA A 239 16.81 2.30 -22.71
N LEU A 240 15.83 3.17 -22.46
CA LEU A 240 14.72 3.35 -23.38
C LEU A 240 14.33 4.83 -23.38
N GLU A 241 14.32 5.44 -24.56
CA GLU A 241 14.02 6.88 -24.63
C GLU A 241 12.54 7.15 -24.40
N GLU A 242 11.67 6.33 -24.98
CA GLU A 242 10.25 6.63 -24.94
C GLU A 242 9.47 5.33 -25.11
N LEU A 243 8.34 5.25 -24.41
CA LEU A 243 7.42 4.14 -24.57
C LEU A 243 6.02 4.72 -24.64
N ASN A 244 5.28 4.33 -25.67
CA ASN A 244 3.93 4.83 -25.89
C ASN A 244 2.95 3.68 -25.79
N ILE A 245 1.86 3.90 -25.06
CA ILE A 245 0.87 2.87 -24.77
C ILE A 245 -0.44 3.33 -25.36
N TYR A 246 -0.89 2.68 -26.44
CA TYR A 246 -2.18 2.99 -27.03
C TYR A 246 -3.26 2.01 -26.61
N SER A 247 -2.91 0.76 -26.34
CA SER A 247 -3.86 -0.24 -25.84
C SER A 247 -3.06 -1.38 -25.23
N ALA A 248 -3.78 -2.39 -24.74
CA ALA A 248 -3.13 -3.51 -24.09
C ALA A 248 -2.30 -4.31 -25.09
N SER A 249 -1.13 -4.77 -24.62
CA SER A 249 -0.26 -5.62 -25.43
C SER A 249 -0.87 -6.99 -25.73
N THR A 250 -1.84 -7.44 -24.95
CA THR A 250 -2.40 -8.77 -25.15
C THR A 250 -2.93 -8.94 -26.57
N ALA A 251 -3.53 -7.90 -27.12
CA ALA A 251 -4.04 -7.95 -28.49
C ALA A 251 -2.94 -8.21 -29.51
N ALA A 252 -1.68 -8.02 -29.14
CA ALA A 252 -0.61 -8.00 -30.13
C ALA A 252 -0.51 -9.34 -30.86
N ALA A 253 -0.26 -9.26 -32.16
CA ALA A 253 -0.01 -10.42 -33.01
C ALA A 253 1.30 -10.32 -33.79
N TRP A 254 1.90 -9.14 -33.89
CA TRP A 254 3.12 -8.95 -34.64
C TRP A 254 4.02 -7.98 -33.88
N ALA A 255 5.30 -7.98 -34.23
CA ALA A 255 6.23 -6.99 -33.72
C ALA A 255 7.22 -6.66 -34.82
N LEU A 256 7.51 -5.36 -34.98
CA LEU A 256 8.49 -4.90 -35.94
C LEU A 256 9.67 -4.35 -35.17
N VAL A 257 10.86 -4.77 -35.55
CA VAL A 257 12.10 -4.32 -34.92
C VAL A 257 12.98 -3.77 -36.02
N ARG A 258 13.38 -2.52 -35.88
CA ARG A 258 14.35 -1.92 -36.78
C ARG A 258 15.30 -1.08 -35.95
N TYR A 259 16.44 -0.77 -36.53
CA TYR A 259 17.41 0.07 -35.83
C TYR A 259 16.91 1.49 -35.79
N SER A 260 17.13 2.16 -34.66
CA SER A 260 16.84 3.58 -34.57
C SER A 260 17.78 4.37 -35.46
N ASP A 261 17.30 5.53 -35.92
CA ASP A 261 18.05 6.36 -36.85
C ASP A 261 19.15 7.14 -36.11
N GLY A 262 19.99 6.37 -35.42
CA GLY A 262 21.14 6.91 -34.72
C GLY A 262 22.45 6.47 -35.35
N ASN A 263 22.42 5.35 -36.07
CA ASN A 263 23.59 4.80 -36.73
C ASN A 263 24.69 4.51 -35.70
N ALA A 264 24.28 4.02 -34.54
CA ALA A 264 25.20 3.66 -33.45
C ALA A 264 24.92 2.20 -33.07
N THR A 265 25.26 1.28 -33.97
CA THR A 265 25.03 -0.14 -33.74
C THR A 265 26.38 -0.82 -33.54
N THR A 266 26.55 -1.48 -32.40
CA THR A 266 27.74 -2.24 -32.09
C THR A 266 27.31 -3.52 -31.39
N GLN A 267 28.20 -4.52 -31.40
CA GLN A 267 27.90 -5.75 -30.68
C GLN A 267 27.67 -5.47 -29.20
N LYS A 268 28.43 -4.54 -28.63
CA LYS A 268 28.24 -4.18 -27.24
C LYS A 268 26.83 -3.66 -26.98
N VAL A 269 26.35 -2.77 -27.85
CA VAL A 269 25.05 -2.12 -27.64
C VAL A 269 24.41 -1.85 -28.99
N GLN A 270 23.09 -2.03 -29.04
CA GLN A 270 22.29 -1.72 -30.21
C GLN A 270 21.11 -0.90 -29.72
N LYS A 271 20.65 0.02 -30.55
CA LYS A 271 19.48 0.82 -30.23
C LYS A 271 18.42 0.55 -31.28
N LEU A 272 17.20 0.31 -30.82
CA LEU A 272 16.14 -0.24 -31.63
C LEU A 272 14.86 0.56 -31.48
N ASP A 273 14.05 0.51 -32.52
CA ASP A 273 12.68 1.00 -32.49
C ASP A 273 11.80 -0.25 -32.61
N ILE A 274 10.83 -0.39 -31.72
CA ILE A 274 10.02 -1.59 -31.64
C ILE A 274 8.55 -1.19 -31.57
N ASP A 275 7.74 -1.79 -32.44
CA ASP A 275 6.30 -1.54 -32.47
C ASP A 275 5.60 -2.89 -32.36
N LEU A 276 4.51 -2.92 -31.59
CA LEU A 276 3.67 -4.10 -31.46
C LEU A 276 2.29 -3.75 -32.01
N CYS A 277 1.71 -4.64 -32.81
CA CYS A 277 0.41 -4.38 -33.41
C CYS A 277 -0.40 -5.68 -33.50
N ASP A 278 -1.71 -5.49 -33.67
CA ASP A 278 -2.62 -6.62 -33.80
C ASP A 278 -2.61 -7.12 -35.23
N GLU A 279 -3.56 -7.98 -35.58
CA GLU A 279 -3.57 -8.59 -36.91
C GLU A 279 -3.76 -7.55 -38.01
N GLN A 280 -4.46 -6.46 -37.72
CA GLN A 280 -4.74 -5.45 -38.72
C GLN A 280 -3.57 -4.49 -38.93
N GLY A 281 -2.57 -4.51 -38.06
CA GLY A 281 -1.48 -3.57 -38.10
C GLY A 281 -1.65 -2.40 -37.15
N THR A 282 -2.75 -2.32 -36.43
CA THR A 282 -2.96 -1.25 -35.47
C THR A 282 -1.99 -1.41 -34.31
N ILE A 283 -1.13 -0.41 -34.12
CA ILE A 283 -0.14 -0.45 -33.06
C ILE A 283 -0.79 -0.26 -31.71
N CYS A 284 -0.36 -1.07 -30.73
CA CYS A 284 -0.81 -0.93 -29.35
C CYS A 284 0.28 -0.44 -28.42
N VAL A 285 1.53 -0.79 -28.67
CA VAL A 285 2.66 -0.33 -27.86
C VAL A 285 3.81 0.03 -28.79
N SER A 286 4.49 1.13 -28.50
CA SER A 286 5.64 1.57 -29.28
C SER A 286 6.78 1.92 -28.33
N MET A 287 7.98 1.48 -28.70
CA MET A 287 9.19 1.74 -27.93
C MET A 287 10.20 2.37 -28.87
N LYS A 288 10.67 3.57 -28.55
CA LYS A 288 11.64 4.26 -29.38
C LYS A 288 12.94 4.43 -28.60
N GLY A 289 14.05 4.27 -29.31
CA GLY A 289 15.35 4.38 -28.66
C GLY A 289 15.55 3.34 -27.59
N PHE A 290 15.22 2.08 -27.89
CA PHE A 290 15.44 0.98 -26.95
C PHE A 290 16.87 0.47 -27.12
N THR A 291 17.69 0.65 -26.10
CA THR A 291 19.09 0.22 -26.13
C THR A 291 19.27 -1.05 -25.30
N THR A 292 19.95 -2.03 -25.88
CA THR A 292 20.32 -3.26 -25.20
C THR A 292 21.83 -3.38 -25.18
N ARG A 293 22.37 -4.00 -24.13
CA ARG A 293 23.80 -4.12 -23.95
C ARG A 293 24.18 -5.55 -23.63
N VAL A 294 25.36 -5.95 -24.12
CA VAL A 294 25.88 -7.30 -23.87
C VAL A 294 26.00 -7.54 -22.38
N LEU A 295 25.72 -8.78 -21.96
CA LEU A 295 25.83 -9.16 -20.56
C LEU A 295 27.23 -9.67 -20.26
N GLU A 296 27.74 -9.32 -19.09
CA GLU A 296 29.08 -9.72 -18.67
C GLU A 296 29.35 -9.26 -17.24
N PRO B 10 -8.34 -10.31 6.93
CA PRO B 10 -7.26 -11.24 7.25
C PRO B 10 -5.88 -10.64 7.00
N ALA B 11 -5.67 -10.06 5.82
CA ALA B 11 -4.41 -9.41 5.48
C ALA B 11 -4.38 -7.94 5.89
N TYR B 12 -5.18 -7.57 6.88
CA TYR B 12 -5.23 -6.18 7.35
C TYR B 12 -3.89 -5.75 7.92
N LEU B 13 -3.53 -4.48 7.71
CA LEU B 13 -2.41 -3.91 8.44
C LEU B 13 -2.68 -3.85 9.92
N HIS B 14 -3.95 -3.68 10.30
CA HIS B 14 -4.38 -3.47 11.68
C HIS B 14 -5.88 -3.68 11.72
N PRO B 15 -6.45 -4.22 12.79
CA PRO B 15 -7.90 -4.46 12.81
C PRO B 15 -8.72 -3.21 12.52
N LEU B 16 -8.19 -2.02 12.76
CA LEU B 16 -8.88 -0.77 12.50
C LEU B 16 -8.29 0.01 11.34
N LEU B 17 -7.22 -0.48 10.72
CA LEU B 17 -6.55 0.21 9.61
C LEU B 17 -6.13 -0.88 8.64
N HIS B 18 -7.04 -1.25 7.74
CA HIS B 18 -6.85 -2.44 6.93
C HIS B 18 -5.83 -2.22 5.81
N GLN B 19 -5.91 -1.10 5.12
CA GLN B 19 -5.25 -0.96 3.84
C GLN B 19 -4.71 0.46 3.66
N ASN B 20 -3.56 0.56 3.02
CA ASN B 20 -2.96 1.84 2.65
C ASN B 20 -3.40 2.19 1.24
N THR B 21 -4.15 3.29 1.12
CA THR B 21 -4.69 3.73 -0.18
C THR B 21 -4.15 5.10 -0.56
N SER B 22 -2.92 5.41 -0.17
CA SER B 22 -2.38 6.75 -0.38
C SER B 22 -2.11 7.02 -1.86
N THR B 23 -2.38 8.25 -2.27
CA THR B 23 -2.06 8.73 -3.61
C THR B 23 -1.03 9.85 -3.50
N LEU B 24 -0.54 10.30 -4.67
CA LEU B 24 0.38 11.43 -4.67
C LEU B 24 -0.26 12.64 -4.04
N SER B 25 -1.58 12.80 -4.19
CA SER B 25 -2.27 13.94 -3.63
C SER B 25 -2.53 13.78 -2.14
N GLU B 26 -2.75 12.56 -1.66
CA GLU B 26 -3.28 12.36 -0.31
C GLU B 26 -2.67 11.11 0.31
N GLN B 27 -2.24 11.23 1.56
CA GLN B 27 -1.88 10.08 2.38
C GLN B 27 -3.15 9.56 3.03
N ARG B 28 -3.46 8.29 2.83
CA ARG B 28 -4.79 7.80 3.18
C ARG B 28 -4.75 6.31 3.49
N TYR B 29 -5.56 5.91 4.47
CA TYR B 29 -5.76 4.51 4.80
C TYR B 29 -7.25 4.21 4.82
N SER B 30 -7.60 3.00 4.41
CA SER B 30 -8.99 2.60 4.25
C SER B 30 -9.25 1.28 4.94
N SER B 31 -10.42 1.18 5.56
CA SER B 31 -10.85 -0.06 6.21
C SER B 31 -12.33 -0.25 5.94
N THR B 32 -12.71 -1.50 5.68
CA THR B 32 -14.10 -1.88 5.47
C THR B 32 -14.53 -2.75 6.63
N PHE B 33 -15.54 -2.30 7.36
CA PHE B 33 -15.98 -2.97 8.58
C PHE B 33 -17.28 -3.73 8.35
N THR B 34 -17.26 -5.01 8.64
CA THR B 34 -18.44 -5.85 8.67
C THR B 34 -19.06 -5.76 10.06
N GLY B 35 -20.36 -6.04 10.14
CA GLY B 35 -21.00 -5.96 11.44
C GLY B 35 -20.38 -6.85 12.49
N GLN B 36 -19.58 -7.83 12.06
CA GLN B 36 -19.12 -8.89 12.96
C GLN B 36 -17.93 -8.50 13.83
N GLU B 37 -17.17 -7.45 13.50
CA GLU B 37 -16.05 -7.08 14.34
C GLU B 37 -16.49 -6.92 15.79
N PHE B 38 -15.65 -7.39 16.72
CA PHE B 38 -16.05 -7.43 18.13
C PHE B 38 -16.35 -6.03 18.64
N PHE B 39 -15.57 -5.04 18.22
CA PHE B 39 -15.77 -3.67 18.69
C PHE B 39 -17.00 -3.04 18.08
N LEU B 40 -17.72 -3.75 17.22
CA LEU B 40 -19.01 -3.32 16.71
C LEU B 40 -20.17 -4.17 17.22
N ARG B 41 -20.07 -5.51 17.10
CA ARG B 41 -21.15 -6.37 17.55
C ARG B 41 -21.38 -6.24 19.05
N ASP B 42 -20.31 -6.03 19.82
CA ASP B 42 -20.41 -5.95 21.27
C ASP B 42 -20.44 -4.51 21.77
N HIS B 43 -20.54 -3.52 20.86
CA HIS B 43 -20.67 -2.12 21.24
C HIS B 43 -21.91 -1.59 20.54
N VAL B 44 -23.08 -1.96 21.07
CA VAL B 44 -24.36 -1.61 20.47
C VAL B 44 -25.03 -0.59 21.36
N VAL B 45 -25.33 0.59 20.82
CA VAL B 45 -26.01 1.66 21.54
C VAL B 45 -27.34 1.92 20.85
N ASN B 46 -28.42 1.86 21.62
CA ASN B 46 -29.77 2.05 21.09
C ASN B 46 -30.05 1.09 19.94
N GLY B 47 -29.44 -0.10 19.97
CA GLY B 47 -29.76 -1.15 19.02
C GLY B 47 -28.88 -1.19 17.79
N GLN B 48 -28.02 -0.20 17.58
CA GLN B 48 -27.20 -0.12 16.38
C GLN B 48 -25.75 -0.42 16.70
N LYS B 49 -25.06 -1.08 15.78
CA LYS B 49 -23.63 -1.30 15.92
C LYS B 49 -22.94 0.02 15.60
N VAL B 50 -22.32 0.62 16.62
CA VAL B 50 -21.73 1.96 16.50
C VAL B 50 -20.26 1.87 16.85
N LEU B 51 -19.40 2.43 15.99
CA LEU B 51 -17.98 2.46 16.28
C LEU B 51 -17.72 3.23 17.58
N PRO B 52 -16.98 2.66 18.53
CA PRO B 52 -16.73 3.36 19.78
C PRO B 52 -15.72 4.49 19.62
N GLY B 53 -15.90 5.53 20.43
CA GLY B 53 -15.01 6.68 20.36
C GLY B 53 -13.54 6.30 20.52
N VAL B 54 -13.26 5.31 21.37
CA VAL B 54 -11.87 4.95 21.65
C VAL B 54 -11.22 4.27 20.46
N ALA B 55 -12.00 3.74 19.51
CA ALA B 55 -11.41 3.13 18.33
C ALA B 55 -10.81 4.19 17.40
N TYR B 56 -11.38 5.39 17.39
CA TYR B 56 -10.82 6.46 16.58
C TYR B 56 -9.39 6.79 17.02
N LEU B 57 -9.13 6.74 18.32
CA LEU B 57 -7.78 7.04 18.81
C LEU B 57 -6.77 6.04 18.27
N GLU B 58 -7.08 4.74 18.37
CA GLU B 58 -6.18 3.73 17.83
C GLU B 58 -6.06 3.87 16.32
N MET B 59 -7.18 4.11 15.63
CA MET B 59 -7.11 4.36 14.19
C MET B 59 -6.13 5.49 13.90
N ALA B 60 -6.26 6.60 14.61
CA ALA B 60 -5.39 7.74 14.38
C ALA B 60 -3.93 7.40 14.69
N ARG B 61 -3.68 6.78 15.84
CA ARG B 61 -2.30 6.51 16.25
C ARG B 61 -1.57 5.65 15.23
N VAL B 62 -2.17 4.52 14.84
CA VAL B 62 -1.45 3.60 13.97
C VAL B 62 -1.29 4.19 12.58
N ALA B 63 -2.26 4.97 12.11
CA ALA B 63 -2.10 5.68 10.84
C ALA B 63 -0.86 6.57 10.89
N VAL B 64 -0.75 7.40 11.92
CA VAL B 64 0.42 8.24 12.10
C VAL B 64 1.68 7.40 12.20
N ASP B 65 1.64 6.37 13.06
CA ASP B 65 2.81 5.51 13.26
C ASP B 65 3.36 4.99 11.95
N MET B 66 2.48 4.57 11.04
CA MET B 66 2.91 4.03 9.76
C MET B 66 3.12 5.12 8.72
N ALA B 67 2.28 6.16 8.72
CA ALA B 67 2.43 7.21 7.72
C ALA B 67 3.74 7.96 7.92
N ALA B 68 4.13 8.19 9.17
CA ALA B 68 5.50 8.57 9.45
C ALA B 68 6.39 7.36 9.22
N GLY B 69 7.53 7.58 8.56
CA GLY B 69 8.35 6.48 8.11
C GLY B 69 9.05 5.77 9.26
N VAL B 70 10.17 5.11 8.94
CA VAL B 70 11.09 4.70 9.99
C VAL B 70 11.60 5.96 10.69
N ARG B 71 11.62 5.92 12.02
CA ARG B 71 11.76 7.15 12.80
C ARG B 71 12.87 7.01 13.82
N THR B 72 13.51 8.14 14.10
CA THR B 72 14.55 8.24 15.11
C THR B 72 13.92 8.23 16.50
N ASP B 73 14.75 7.98 17.51
CA ASP B 73 14.26 8.00 18.88
C ASP B 73 13.62 9.35 19.20
N ASN B 74 14.05 10.41 18.51
CA ASN B 74 13.47 11.72 18.70
C ASN B 74 12.06 11.83 18.15
N HIS B 75 11.67 10.95 17.23
CA HIS B 75 10.32 10.92 16.70
C HIS B 75 9.62 9.58 16.91
N SER B 76 10.16 8.72 17.76
CA SER B 76 9.62 7.36 17.94
C SER B 76 8.60 7.33 19.07
N ALA B 77 7.66 8.27 19.06
CA ALA B 77 6.57 8.30 20.03
C ALA B 77 5.49 9.22 19.49
N ILE B 78 4.23 8.87 19.78
CA ILE B 78 3.08 9.53 19.20
C ILE B 78 2.21 10.10 20.31
N GLN B 79 1.79 11.35 20.15
CA GLN B 79 0.85 12.02 21.04
C GLN B 79 -0.23 12.67 20.18
N LEU B 80 -1.48 12.60 20.66
CA LEU B 80 -2.61 13.18 19.95
C LEU B 80 -3.15 14.37 20.73
N LYS B 81 -3.66 15.36 19.99
CA LYS B 81 -4.08 16.64 20.56
C LYS B 81 -5.36 17.11 19.89
N ASN B 82 -6.21 17.78 20.67
CA ASN B 82 -7.38 18.48 20.16
C ASN B 82 -8.24 17.59 19.24
N ILE B 83 -8.71 16.49 19.82
CA ILE B 83 -9.56 15.55 19.10
C ILE B 83 -11.00 16.03 19.09
N VAL B 84 -11.68 15.81 17.97
CA VAL B 84 -13.10 16.12 17.82
C VAL B 84 -13.84 14.88 17.35
N TRP B 85 -15.11 14.78 17.77
CA TRP B 85 -16.00 13.71 17.35
C TRP B 85 -17.23 14.27 16.66
N ALA B 86 -17.53 13.74 15.47
CA ALA B 86 -18.72 14.13 14.72
C ALA B 86 -19.69 12.97 14.68
N LYS B 87 -20.40 12.79 13.56
CA LYS B 87 -21.33 11.69 13.44
C LYS B 87 -20.60 10.37 13.66
N PRO B 88 -21.21 9.41 14.37
CA PRO B 88 -20.58 8.10 14.54
C PRO B 88 -20.70 7.24 13.29
N VAL B 89 -19.88 6.19 13.26
CA VAL B 89 -19.94 5.18 12.21
C VAL B 89 -20.84 4.03 12.67
N ILE B 90 -21.85 3.72 11.88
CA ILE B 90 -22.83 2.69 12.20
C ILE B 90 -22.81 1.63 11.10
N VAL B 91 -23.01 0.37 11.50
CA VAL B 91 -23.00 -0.76 10.58
C VAL B 91 -24.38 -1.38 10.53
N GLU B 92 -24.83 -1.70 9.32
CA GLU B 92 -26.09 -2.39 9.09
C GLU B 92 -25.81 -3.75 8.49
N ASP B 93 -26.61 -4.18 7.51
CA ASP B 93 -26.34 -5.42 6.79
C ASP B 93 -25.26 -5.26 5.73
N ALA B 94 -24.98 -4.02 5.30
CA ALA B 94 -23.97 -3.75 4.29
C ALA B 94 -22.71 -3.20 4.94
N PRO B 95 -21.52 -3.69 4.54
CA PRO B 95 -20.29 -3.18 5.16
C PRO B 95 -20.12 -1.68 4.95
N ILE B 96 -19.32 -1.09 5.81
CA ILE B 96 -19.05 0.34 5.80
C ILE B 96 -17.55 0.56 5.62
N GLN B 97 -17.18 1.39 4.66
CA GLN B 97 -15.78 1.72 4.41
C GLN B 97 -15.43 3.03 5.09
N VAL B 98 -14.39 3.00 5.93
CA VAL B 98 -13.94 4.15 6.69
C VAL B 98 -12.55 4.54 6.21
N HIS B 99 -12.35 5.83 5.98
CA HIS B 99 -11.10 6.36 5.46
C HIS B 99 -10.40 7.17 6.54
N LYS B 100 -9.09 6.96 6.67
CA LYS B 100 -8.26 7.68 7.62
C LYS B 100 -7.29 8.55 6.83
N GLY B 101 -7.48 9.87 6.88
CA GLY B 101 -6.70 10.83 6.13
C GLY B 101 -5.72 11.55 7.03
N LEU B 102 -4.49 11.71 6.55
CA LEU B 102 -3.44 12.41 7.27
C LEU B 102 -2.92 13.58 6.44
N TYR B 103 -2.68 14.70 7.11
CA TYR B 103 -2.22 15.91 6.45
C TYR B 103 -1.12 16.55 7.27
N PRO B 104 0.11 16.63 6.74
CA PRO B 104 1.22 17.21 7.52
C PRO B 104 1.18 18.73 7.52
N GLU B 105 1.33 19.32 8.69
CA GLU B 105 1.38 20.77 8.86
C GLU B 105 2.84 21.23 8.90
N GLU B 106 3.03 22.51 8.59
CA GLU B 106 4.39 23.05 8.48
C GLU B 106 5.16 22.93 9.79
N ASN B 107 4.48 22.98 10.94
CA ASN B 107 5.15 22.91 12.23
C ASN B 107 5.55 21.48 12.59
N GLY B 108 5.45 20.52 11.68
CA GLY B 108 5.80 19.15 11.97
C GLY B 108 4.69 18.33 12.60
N GLU B 109 3.59 18.95 13.00
CA GLU B 109 2.44 18.20 13.49
C GLU B 109 1.68 17.60 12.31
N ILE B 110 0.82 16.62 12.62
CA ILE B 110 0.03 15.92 11.61
C ILE B 110 -1.44 16.07 11.96
N THR B 111 -2.21 16.64 11.04
CA THR B 111 -3.66 16.67 11.16
C THR B 111 -4.23 15.41 10.53
N PHE B 112 -5.22 14.81 11.19
CA PHE B 112 -5.84 13.61 10.69
C PHE B 112 -7.35 13.78 10.65
N GLU B 113 -7.97 13.27 9.59
CA GLU B 113 -9.41 13.29 9.42
C GLU B 113 -9.88 11.88 9.17
N ILE B 114 -10.88 11.44 9.95
CA ILE B 114 -11.49 10.12 9.79
C ILE B 114 -12.89 10.35 9.24
N TYR B 115 -13.14 9.86 8.04
CA TYR B 115 -14.33 10.21 7.28
C TYR B 115 -14.79 9.01 6.47
N SER B 116 -15.89 9.20 5.73
CA SER B 116 -16.43 8.17 4.86
C SER B 116 -17.27 8.84 3.79
N HIS B 117 -17.63 8.06 2.77
CA HIS B 117 -18.45 8.55 1.66
C HIS B 117 -19.85 7.98 1.79
N PRO B 118 -20.86 8.80 2.07
CA PRO B 118 -22.20 8.26 2.32
C PRO B 118 -22.70 7.35 1.20
N ARG B 119 -23.22 6.19 1.59
CA ARG B 119 -23.98 5.38 0.65
C ARG B 119 -25.15 6.18 0.09
N GLU B 120 -25.61 7.19 0.83
CA GLU B 120 -26.62 8.11 0.32
C GLU B 120 -26.10 8.90 -0.85
N ALA B 121 -24.78 9.11 -0.94
CA ALA B 121 -24.20 10.01 -1.92
C ALA B 121 -22.68 9.94 -1.91
N GLU B 122 -22.09 9.15 -2.82
CA GLU B 122 -20.65 8.97 -2.82
C GLU B 122 -19.91 10.25 -3.18
N GLU B 123 -20.60 11.29 -3.64
CA GLU B 123 -19.97 12.58 -3.86
C GLU B 123 -20.05 13.47 -2.64
N SER B 124 -21.04 13.25 -1.77
CA SER B 124 -21.05 13.90 -0.47
C SER B 124 -20.03 13.23 0.45
N LEU B 125 -19.76 13.87 1.59
CA LEU B 125 -18.73 13.40 2.49
C LEU B 125 -19.19 13.60 3.94
N VAL B 126 -18.85 12.64 4.79
CA VAL B 126 -19.15 12.71 6.22
C VAL B 126 -17.87 12.49 7.01
N VAL B 127 -17.51 13.47 7.83
CA VAL B 127 -16.37 13.37 8.73
C VAL B 127 -16.85 12.88 10.09
N HIS B 128 -16.18 11.86 10.62
CA HIS B 128 -16.50 11.30 11.92
C HIS B 128 -15.61 11.81 13.04
N SER B 129 -14.35 12.12 12.73
CA SER B 129 -13.43 12.62 13.74
C SER B 129 -12.29 13.39 13.06
N GLN B 130 -11.73 14.34 13.79
CA GLN B 130 -10.53 15.06 13.36
C GLN B 130 -9.67 15.33 14.57
N GLY B 131 -8.37 15.49 14.34
CA GLY B 131 -7.46 15.81 15.41
C GLY B 131 -6.07 16.10 14.90
N ARG B 132 -5.13 16.18 15.84
CA ARG B 132 -3.73 16.45 15.52
C ARG B 132 -2.84 15.48 16.28
N ALA B 133 -1.68 15.19 15.70
CA ALA B 133 -0.69 14.30 16.29
C ALA B 133 0.66 14.98 16.39
N VAL B 134 1.41 14.63 17.44
CA VAL B 134 2.75 15.15 17.67
C VAL B 134 3.71 13.99 17.78
N LEU B 135 4.88 14.12 17.15
CA LEU B 135 5.96 13.14 17.25
C LEU B 135 6.99 13.68 18.23
N ARG B 136 7.27 12.90 19.28
CA ARG B 136 8.22 13.32 20.30
C ARG B 136 9.09 12.12 20.69
N SER B 137 10.08 12.40 21.54
CA SER B 137 10.88 11.33 22.12
C SER B 137 10.03 10.49 23.07
N ALA B 138 10.36 9.20 23.16
CA ALA B 138 9.63 8.31 24.05
C ALA B 138 9.63 8.87 25.46
N MET B 139 8.48 8.75 26.13
CA MET B 139 8.29 9.34 27.45
C MET B 139 8.40 8.29 28.55
N GLU B 140 9.12 8.64 29.60
CA GLU B 140 9.12 7.83 30.81
C GLU B 140 7.76 7.88 31.49
N ALA B 141 7.31 6.73 31.96
CA ALA B 141 5.95 6.63 32.48
C ALA B 141 5.86 7.28 33.86
N PRO B 142 4.91 8.20 34.08
CA PRO B 142 4.67 8.71 35.43
C PRO B 142 4.09 7.60 36.32
N ALA B 143 3.94 7.92 37.60
CA ALA B 143 3.45 6.95 38.58
C ALA B 143 2.26 7.53 39.32
N LEU B 144 1.35 6.63 39.72
CA LEU B 144 0.17 6.97 40.50
C LEU B 144 0.21 6.29 41.87
N ASP B 145 -0.59 6.84 42.78
CA ASP B 145 -0.69 6.38 44.17
C ASP B 145 -1.89 5.43 44.30
N LEU B 146 -1.66 4.14 44.08
CA LEU B 146 -2.74 3.17 44.13
C LEU B 146 -3.30 3.00 45.53
N SER B 147 -2.43 2.93 46.55
CA SER B 147 -2.90 2.68 47.90
C SER B 147 -3.82 3.78 48.40
N ALA B 148 -3.36 5.03 48.36
CA ALA B 148 -4.14 6.14 48.90
C ALA B 148 -5.38 6.42 48.04
N ILE B 149 -5.23 6.42 46.72
CA ILE B 149 -6.34 6.78 45.84
C ILE B 149 -7.53 5.87 46.09
N GLN B 150 -7.29 4.55 46.13
CA GLN B 150 -8.36 3.63 46.48
C GLN B 150 -9.01 4.06 47.80
N ALA B 151 -8.19 4.53 48.75
CA ALA B 151 -8.68 4.95 50.05
C ALA B 151 -9.51 6.23 50.00
N GLN B 152 -9.37 7.02 48.94
CA GLN B 152 -10.15 8.25 48.80
C GLN B 152 -11.47 7.99 48.08
N CYS B 153 -11.78 6.73 47.79
CA CYS B 153 -12.99 6.35 47.07
C CYS B 153 -13.70 5.27 47.87
N THR B 154 -14.31 5.65 48.99
CA THR B 154 -14.94 4.69 49.89
C THR B 154 -16.44 4.83 50.02
N GLU B 155 -17.07 5.78 49.34
CA GLU B 155 -18.50 6.02 49.45
C GLU B 155 -19.25 5.27 48.35
N SER B 156 -20.33 4.59 48.71
CA SER B 156 -21.24 3.96 47.75
C SER B 156 -20.50 3.27 46.61
N SER B 157 -19.79 2.20 46.92
CA SER B 157 -19.20 1.35 45.91
C SER B 157 -20.27 0.46 45.29
N TYR B 158 -20.09 0.15 44.01
CA TYR B 158 -21.07 -0.63 43.27
C TYR B 158 -20.37 -1.66 42.40
N SER B 159 -21.04 -2.79 42.20
CA SER B 159 -20.46 -3.86 41.41
C SER B 159 -20.36 -3.47 39.95
N PHE B 160 -19.51 -4.18 39.21
CA PHE B 160 -19.52 -4.04 37.76
C PHE B 160 -20.91 -4.36 37.25
N SER B 161 -21.56 -5.36 37.86
CA SER B 161 -22.90 -5.73 37.46
C SER B 161 -23.86 -4.56 37.67
N GLN B 162 -23.74 -3.86 38.80
CA GLN B 162 -24.56 -2.67 39.00
C GLN B 162 -24.23 -1.60 37.96
N CYS B 163 -22.95 -1.38 37.69
CA CYS B 163 -22.58 -0.53 36.57
C CYS B 163 -23.15 -1.08 35.27
N TYR B 164 -23.07 -2.39 35.09
CA TYR B 164 -23.49 -3.02 33.85
C TYR B 164 -25.00 -2.99 33.67
N GLU B 165 -25.75 -3.21 34.76
CA GLU B 165 -27.21 -3.28 34.64
C GLU B 165 -27.78 -1.97 34.11
N THR B 166 -27.36 -0.85 34.67
CA THR B 166 -27.85 0.44 34.18
C THR B 166 -27.38 0.68 32.75
N PHE B 167 -26.13 0.31 32.44
CA PHE B 167 -25.63 0.47 31.09
C PHE B 167 -26.54 -0.20 30.08
N HIS B 168 -26.94 -1.44 30.36
CA HIS B 168 -27.90 -2.09 29.47
C HIS B 168 -29.24 -1.37 29.54
N ARG B 169 -29.66 -0.96 30.73
CA ARG B 169 -30.95 -0.28 30.88
C ARG B 169 -30.91 1.12 30.27
N ILE B 170 -29.79 1.82 30.40
CA ILE B 170 -29.69 3.20 29.90
C ILE B 170 -29.67 3.24 28.37
N GLY B 171 -29.60 2.09 27.71
CA GLY B 171 -29.60 2.02 26.26
C GLY B 171 -28.29 1.57 25.65
N LEU B 172 -27.28 1.24 26.46
CA LEU B 172 -25.96 0.83 25.99
C LEU B 172 -25.80 -0.67 26.26
N ALA B 173 -25.98 -1.47 25.22
CA ALA B 173 -25.90 -2.93 25.33
C ALA B 173 -24.48 -3.37 25.01
N TYR B 174 -23.64 -3.39 26.03
CA TYR B 174 -22.25 -3.81 25.88
C TYR B 174 -22.17 -5.33 25.84
N GLY B 175 -21.59 -5.86 24.77
CA GLY B 175 -21.35 -7.28 24.66
C GLY B 175 -20.13 -7.71 25.43
N PRO B 176 -19.86 -9.02 25.40
CA PRO B 176 -18.75 -9.56 26.20
C PRO B 176 -17.41 -8.88 25.95
N SER B 177 -17.13 -8.50 24.70
CA SER B 177 -15.85 -7.89 24.37
C SER B 177 -15.66 -6.53 25.03
N HIS B 178 -16.76 -5.87 25.45
CA HIS B 178 -16.71 -4.55 26.07
C HIS B 178 -17.24 -4.59 27.49
N GLN B 179 -16.93 -5.66 28.22
CA GLN B 179 -17.26 -5.77 29.64
C GLN B 179 -15.96 -5.81 30.44
N GLY B 180 -15.19 -4.72 30.38
CA GLY B 180 -13.86 -4.69 30.95
C GLY B 180 -13.77 -4.16 32.37
N ILE B 181 -14.80 -3.45 32.82
CA ILE B 181 -14.82 -2.96 34.20
C ILE B 181 -14.96 -4.12 35.16
N GLU B 182 -14.14 -4.12 36.21
CA GLU B 182 -14.29 -5.07 37.31
C GLU B 182 -15.06 -4.50 38.49
N LYS B 183 -14.75 -3.29 38.93
CA LYS B 183 -15.48 -2.68 40.04
C LYS B 183 -15.18 -1.19 40.06
N LEU B 184 -16.10 -0.43 40.67
CA LEU B 184 -15.98 1.02 40.76
C LEU B 184 -15.82 1.41 42.23
N PHE B 185 -14.75 2.14 42.52
CA PHE B 185 -14.55 2.75 43.83
C PHE B 185 -14.62 4.25 43.64
N VAL B 186 -15.55 4.89 44.36
CA VAL B 186 -15.89 6.30 44.11
C VAL B 186 -15.88 7.11 45.39
N GLY B 187 -15.41 8.34 45.28
CA GLY B 187 -15.70 9.37 46.24
C GLY B 187 -16.39 10.47 45.47
N PRO B 188 -16.87 11.52 46.14
CA PRO B 188 -17.54 12.60 45.40
C PRO B 188 -16.64 13.29 44.39
N ASP B 189 -15.34 13.09 44.46
CA ASP B 189 -14.39 13.81 43.62
C ASP B 189 -13.81 12.97 42.49
N GLN B 190 -13.80 11.64 42.61
CA GLN B 190 -13.13 10.81 41.61
C GLN B 190 -13.73 9.42 41.61
N VAL B 191 -13.37 8.66 40.58
CA VAL B 191 -13.79 7.26 40.43
C VAL B 191 -12.55 6.48 40.01
N LEU B 192 -12.21 5.45 40.79
CA LEU B 192 -11.15 4.51 40.44
C LEU B 192 -11.79 3.18 40.08
N ALA B 193 -11.48 2.68 38.89
CA ALA B 193 -12.11 1.48 38.35
C ALA B 193 -11.06 0.38 38.17
N LYS B 194 -11.30 -0.76 38.79
CA LYS B 194 -10.52 -1.95 38.50
C LYS B 194 -10.92 -2.48 37.12
N LEU B 195 -9.93 -2.79 36.29
CA LEU B 195 -10.18 -3.14 34.91
C LEU B 195 -9.67 -4.54 34.61
N VAL B 196 -10.25 -5.15 33.57
CA VAL B 196 -9.85 -6.47 33.12
C VAL B 196 -10.12 -6.57 31.63
N LEU B 197 -9.28 -7.36 30.96
CA LEU B 197 -9.44 -7.63 29.53
C LEU B 197 -10.41 -8.79 29.31
N PRO B 198 -11.54 -8.58 28.64
CA PRO B 198 -12.45 -9.71 28.40
C PRO B 198 -11.73 -10.86 27.71
N SER B 199 -12.07 -12.08 28.10
CA SER B 199 -11.35 -13.25 27.60
C SER B 199 -11.53 -13.42 26.10
N SER B 200 -12.63 -12.93 25.54
CA SER B 200 -12.88 -13.11 24.11
C SER B 200 -11.80 -12.44 23.27
N VAL B 201 -11.33 -11.27 23.69
CA VAL B 201 -10.43 -10.47 22.87
C VAL B 201 -8.97 -10.63 23.29
N THR B 202 -8.67 -11.57 24.18
CA THR B 202 -7.29 -11.75 24.62
C THR B 202 -6.40 -12.25 23.49
N GLY B 203 -6.98 -12.98 22.53
CA GLY B 203 -6.21 -13.47 21.40
C GLY B 203 -5.73 -12.37 20.48
N THR B 204 -6.41 -11.22 20.49
CA THR B 204 -6.06 -10.10 19.63
C THR B 204 -5.65 -8.86 20.40
N ALA B 205 -5.41 -8.98 21.71
CA ALA B 205 -4.93 -7.82 22.47
C ALA B 205 -3.54 -7.40 22.04
N GLU B 206 -2.76 -8.31 21.46
CA GLU B 206 -1.40 -7.99 21.05
C GLU B 206 -1.35 -6.98 19.92
N LYS B 207 -2.36 -6.96 19.06
CA LYS B 207 -2.36 -6.13 17.87
C LYS B 207 -2.97 -4.75 18.12
N PHE B 208 -3.11 -4.35 19.39
CA PHE B 208 -3.57 -3.03 19.76
C PHE B 208 -2.59 -2.40 20.74
N VAL B 209 -2.31 -1.11 20.54
CA VAL B 209 -1.62 -0.32 21.56
C VAL B 209 -2.68 0.27 22.47
N LEU B 210 -3.63 0.99 21.87
CA LEU B 210 -4.79 1.52 22.59
C LEU B 210 -5.94 0.56 22.31
N HIS B 211 -6.09 -0.42 23.20
CA HIS B 211 -7.07 -1.47 22.96
C HIS B 211 -8.48 -0.95 23.21
N PRO B 212 -9.41 -1.11 22.26
CA PRO B 212 -10.75 -0.53 22.47
C PRO B 212 -11.44 -1.01 23.74
N SER B 213 -11.25 -2.28 24.11
CA SER B 213 -11.91 -2.81 25.30
C SER B 213 -11.42 -2.09 26.55
N VAL B 214 -10.11 -1.97 26.71
CA VAL B 214 -9.56 -1.33 27.90
C VAL B 214 -9.84 0.17 27.86
N MET B 215 -9.60 0.79 26.71
CA MET B 215 -9.84 2.24 26.58
C MET B 215 -11.32 2.56 26.81
N ASP B 216 -12.22 1.77 26.22
CA ASP B 216 -13.64 2.01 26.43
C ASP B 216 -14.01 1.77 27.89
N ALA B 217 -13.40 0.76 28.52
CA ALA B 217 -13.65 0.50 29.94
C ALA B 217 -13.24 1.71 30.77
N ALA B 218 -12.13 2.35 30.40
CA ALA B 218 -11.75 3.60 31.07
C ALA B 218 -12.82 4.66 30.89
N LEU B 219 -13.38 4.74 29.67
CA LEU B 219 -14.47 5.69 29.43
C LEU B 219 -15.77 5.23 30.08
N GLN B 220 -16.04 3.91 30.08
CA GLN B 220 -17.22 3.43 30.77
C GLN B 220 -17.19 3.81 32.24
N ALA B 221 -16.00 3.82 32.86
CA ALA B 221 -15.93 4.11 34.29
C ALA B 221 -16.42 5.51 34.61
N SER B 222 -16.28 6.44 33.67
CA SER B 222 -16.81 7.78 33.88
C SER B 222 -18.33 7.77 33.88
N LEU B 223 -18.93 7.13 32.87
CA LEU B 223 -20.38 7.04 32.75
C LEU B 223 -20.88 5.69 33.27
N SER B 235 -23.03 13.96 27.57
CA SER B 235 -23.65 12.64 27.61
C SER B 235 -22.79 11.62 26.88
N LEU B 236 -22.28 12.02 25.72
CA LEU B 236 -21.47 11.17 24.86
C LEU B 236 -20.13 11.85 24.62
N PRO B 237 -19.09 11.08 24.27
CA PRO B 237 -17.80 11.73 23.98
C PRO B 237 -17.96 12.74 22.87
N PHE B 238 -17.38 13.92 23.07
CA PHE B 238 -17.53 14.99 22.09
C PHE B 238 -16.17 15.54 21.67
N ALA B 239 -15.22 15.59 22.60
CA ALA B 239 -13.90 16.12 22.30
C ALA B 239 -12.91 15.65 23.34
N LEU B 240 -11.63 15.71 22.97
CA LEU B 240 -10.51 15.36 23.85
C LEU B 240 -9.38 16.33 23.58
N GLU B 241 -8.86 16.96 24.64
CA GLU B 241 -7.82 17.97 24.49
C GLU B 241 -6.48 17.33 24.19
N GLU B 242 -6.15 16.23 24.84
CA GLU B 242 -4.83 15.63 24.73
C GLU B 242 -4.87 14.16 25.07
N LEU B 243 -4.02 13.37 24.41
CA LEU B 243 -3.86 11.95 24.67
C LEU B 243 -2.38 11.61 24.72
N ASN B 244 -1.95 10.96 25.81
CA ASN B 244 -0.56 10.58 26.01
C ASN B 244 -0.45 9.07 26.13
N ILE B 245 0.51 8.48 25.40
CA ILE B 245 0.74 7.04 25.39
C ILE B 245 2.17 6.80 25.89
N TYR B 246 2.28 6.24 27.09
CA TYR B 246 3.57 5.84 27.64
C TYR B 246 3.83 4.35 27.47
N SER B 247 2.78 3.54 27.39
CA SER B 247 2.90 2.11 27.17
C SER B 247 1.56 1.60 26.66
N ALA B 248 1.50 0.30 26.39
CA ALA B 248 0.27 -0.29 25.86
C ALA B 248 -0.84 -0.21 26.89
N SER B 249 -2.06 0.06 26.41
CA SER B 249 -3.21 0.05 27.30
C SER B 249 -3.45 -1.35 27.86
N THR B 250 -2.95 -2.38 27.18
CA THR B 250 -3.11 -3.74 27.66
C THR B 250 -2.49 -3.92 29.03
N ALA B 251 -1.32 -3.30 29.26
CA ALA B 251 -0.66 -3.42 30.55
C ALA B 251 -1.51 -2.90 31.69
N ALA B 252 -2.50 -2.06 31.40
CA ALA B 252 -3.25 -1.39 32.45
C ALA B 252 -4.00 -2.40 33.30
N ALA B 253 -4.03 -2.14 34.61
CA ALA B 253 -4.83 -2.89 35.55
C ALA B 253 -5.79 -2.01 36.32
N TRP B 254 -5.59 -0.69 36.29
CA TRP B 254 -6.45 0.27 36.95
C TRP B 254 -6.63 1.48 36.05
N ALA B 255 -7.69 2.24 36.31
CA ALA B 255 -7.91 3.50 35.63
C ALA B 255 -8.56 4.49 36.58
N LEU B 256 -8.07 5.72 36.59
CA LEU B 256 -8.59 6.78 37.44
C LEU B 256 -9.26 7.86 36.60
N VAL B 257 -10.42 8.32 37.07
CA VAL B 257 -11.18 9.35 36.39
C VAL B 257 -11.34 10.54 37.34
N ARG B 258 -11.06 11.74 36.83
CA ARG B 258 -11.21 12.96 37.62
C ARG B 258 -11.67 14.08 36.70
N TYR B 259 -12.34 15.07 37.30
CA TYR B 259 -12.66 16.28 36.57
C TYR B 259 -11.41 17.09 36.31
N SER B 260 -11.33 17.66 35.11
CA SER B 260 -10.34 18.68 34.85
C SER B 260 -10.68 19.93 35.67
N ASP B 261 -9.66 20.72 36.01
CA ASP B 261 -9.86 21.87 36.89
C ASP B 261 -10.49 23.04 36.13
N GLY B 262 -11.66 22.78 35.56
CA GLY B 262 -12.46 23.82 34.94
C GLY B 262 -13.69 24.10 35.75
N ASN B 263 -14.18 23.09 36.47
CA ASN B 263 -15.27 23.24 37.44
C ASN B 263 -16.52 23.85 36.80
N ALA B 264 -16.91 23.36 35.62
CA ALA B 264 -18.07 23.87 34.92
C ALA B 264 -19.08 22.76 34.70
N THR B 265 -20.24 22.89 35.34
CA THR B 265 -21.32 21.91 35.17
C THR B 265 -21.92 21.99 33.77
N THR B 266 -22.26 23.21 33.33
CA THR B 266 -22.81 23.46 32.00
C THR B 266 -24.10 22.65 31.85
N GLN B 267 -24.31 21.94 30.73
CA GLN B 267 -25.53 21.20 30.47
C GLN B 267 -25.30 19.72 30.79
N LYS B 268 -25.11 18.90 29.75
CA LYS B 268 -24.79 17.49 29.93
C LYS B 268 -23.39 17.15 29.43
N VAL B 269 -22.57 18.15 29.14
CA VAL B 269 -21.20 17.94 28.68
C VAL B 269 -20.25 18.39 29.79
N GLN B 270 -19.21 17.58 30.04
CA GLN B 270 -18.24 17.87 31.09
C GLN B 270 -16.81 17.59 30.61
N LYS B 271 -15.86 18.31 31.21
CA LYS B 271 -14.43 18.18 30.90
C LYS B 271 -13.76 17.30 31.96
N LEU B 272 -13.23 16.14 31.54
CA LEU B 272 -12.76 15.13 32.48
C LEU B 272 -11.37 14.63 32.13
N ASP B 273 -10.67 14.11 33.13
CA ASP B 273 -9.37 13.47 32.99
C ASP B 273 -9.45 11.98 33.32
N ILE B 274 -8.85 11.14 32.46
CA ILE B 274 -8.88 9.69 32.60
C ILE B 274 -7.45 9.16 32.43
N ASP B 275 -7.00 8.33 33.39
CA ASP B 275 -5.67 7.73 33.36
C ASP B 275 -5.73 6.22 33.54
N LEU B 276 -4.81 5.52 32.86
CA LEU B 276 -4.60 4.08 33.02
C LEU B 276 -3.22 3.79 33.56
N CYS B 277 -3.13 2.84 34.50
CA CYS B 277 -1.87 2.43 35.08
C CYS B 277 -1.91 0.92 35.32
N ASP B 278 -0.73 0.33 35.45
CA ASP B 278 -0.61 -1.10 35.68
C ASP B 278 -0.77 -1.40 37.17
N GLU B 279 -0.41 -2.63 37.55
CA GLU B 279 -0.59 -3.07 38.94
C GLU B 279 0.25 -2.24 39.90
N GLN B 280 1.42 -1.77 39.46
CA GLN B 280 2.30 -0.99 40.32
C GLN B 280 1.91 0.48 40.42
N GLY B 281 1.01 0.97 39.57
CA GLY B 281 0.67 2.37 39.53
C GLY B 281 1.35 3.17 38.45
N THR B 282 2.23 2.54 37.67
CA THR B 282 2.89 3.21 36.56
C THR B 282 1.87 3.53 35.47
N ILE B 283 1.73 4.81 35.13
CA ILE B 283 0.76 5.19 34.10
C ILE B 283 1.27 4.72 32.75
N CYS B 284 0.39 4.10 31.97
CA CYS B 284 0.71 3.71 30.60
C CYS B 284 -0.04 4.52 29.55
N VAL B 285 -1.28 4.91 29.84
CA VAL B 285 -2.06 5.77 28.96
C VAL B 285 -2.79 6.77 29.84
N SER B 286 -2.77 8.05 29.43
CA SER B 286 -3.45 9.11 30.15
C SER B 286 -4.19 9.99 29.15
N MET B 287 -5.40 10.40 29.51
CA MET B 287 -6.23 11.26 28.67
C MET B 287 -6.57 12.52 29.45
N LYS B 288 -6.22 13.67 28.89
CA LYS B 288 -6.39 14.97 29.52
C LYS B 288 -7.38 15.81 28.73
N GLY B 289 -8.17 16.58 29.45
CA GLY B 289 -9.16 17.44 28.81
C GLY B 289 -10.18 16.69 27.99
N PHE B 290 -10.67 15.58 28.50
CA PHE B 290 -11.76 14.87 27.85
C PHE B 290 -12.99 15.76 27.82
N THR B 291 -13.93 15.41 26.94
CA THR B 291 -15.21 16.09 26.91
C THR B 291 -16.31 15.16 26.43
#